data_1UFB
#
_entry.id   1UFB
#
_cell.length_a   80.080
_cell.length_b   134.326
_cell.length_c   123.066
_cell.angle_alpha   90.00
_cell.angle_beta   90.00
_cell.angle_gamma   90.00
#
_symmetry.space_group_name_H-M   'C 2 2 21'
#
loop_
_entity.id
_entity.type
_entity.pdbx_description
1 polymer 'TT1696 protein'
2 water water
#
_entity_poly.entity_id   1
_entity_poly.type   'polypeptide(L)'
_entity_poly.pdbx_seq_one_letter_code
;MNRARDWLEQARHNLRHAQGSLGLGDYAWACFAAQQAAEAALKGLHLARGQVAWGHSILDLLADLPEDVDVPEDLVEAAK
VLDKYYIPTRYPDAHPAGPAARHYTRLEAEEALDLAQKILAFVEEKL
;
_entity_poly.pdbx_strand_id   A,B,C,D
#
# COMPACT_ATOMS: atom_id res chain seq x y z
N MET A 1 -22.02 21.29 8.17
CA MET A 1 -23.26 21.22 7.36
C MET A 1 -23.99 19.95 7.78
N ASN A 2 -24.73 20.02 8.88
CA ASN A 2 -25.47 18.89 9.49
C ASN A 2 -24.73 17.52 9.43
N ARG A 3 -23.51 17.55 9.93
CA ARG A 3 -22.67 16.37 10.02
C ARG A 3 -22.04 15.93 8.72
N ALA A 4 -22.32 16.62 7.60
CA ALA A 4 -21.71 16.24 6.33
C ALA A 4 -20.20 16.12 6.55
N ARG A 5 -19.63 17.06 7.32
CA ARG A 5 -18.18 17.04 7.55
C ARG A 5 -17.66 15.79 8.29
N ASP A 6 -18.45 15.36 9.26
CA ASP A 6 -18.19 14.15 10.03
C ASP A 6 -18.13 12.91 9.09
N TRP A 7 -19.07 12.85 8.14
CA TRP A 7 -19.09 11.72 7.19
C TRP A 7 -17.94 11.78 6.21
N LEU A 8 -17.54 13.01 5.86
CA LEU A 8 -16.40 13.09 4.95
C LEU A 8 -15.17 12.66 5.67
N GLU A 9 -15.09 13.05 6.94
CA GLU A 9 -13.97 12.71 7.80
C GLU A 9 -13.91 11.17 7.89
N GLN A 10 -15.05 10.52 8.11
CA GLN A 10 -15.13 9.05 8.18
C GLN A 10 -14.69 8.44 6.86
N ALA A 11 -15.15 9.03 5.75
CA ALA A 11 -14.81 8.50 4.41
C ALA A 11 -13.30 8.52 4.22
N ARG A 12 -12.68 9.67 4.57
CA ARG A 12 -11.20 9.79 4.44
C ARG A 12 -10.54 8.78 5.38
N HIS A 13 -11.07 8.62 6.58
CA HIS A 13 -10.48 7.60 7.50
C HIS A 13 -10.59 6.18 6.92
N ASN A 14 -11.77 5.87 6.37
CA ASN A 14 -11.97 4.56 5.75
C ASN A 14 -10.98 4.38 4.60
N LEU A 15 -10.75 5.43 3.79
CA LEU A 15 -9.81 5.29 2.66
C LEU A 15 -8.39 5.11 3.24
N ARG A 16 -8.05 5.80 4.32
CA ARG A 16 -6.71 5.55 4.94
C ARG A 16 -6.63 4.15 5.51
N HIS A 17 -7.74 3.66 6.06
CA HIS A 17 -7.73 2.27 6.56
C HIS A 17 -7.51 1.31 5.35
N ALA A 18 -8.15 1.59 4.21
CA ALA A 18 -7.97 0.69 3.03
C ALA A 18 -6.50 0.76 2.56
N GLN A 19 -5.89 1.95 2.59
CA GLN A 19 -4.49 2.09 2.18
C GLN A 19 -3.56 1.31 3.10
N GLY A 20 -3.86 1.37 4.40
CA GLY A 20 -3.05 0.64 5.35
C GLY A 20 -3.31 -0.85 5.23
N SER A 21 -4.53 -1.22 4.80
CA SER A 21 -4.87 -2.66 4.68
C SER A 21 -4.08 -3.25 3.52
N LEU A 22 -3.82 -2.42 2.54
CA LEU A 22 -3.07 -2.80 1.36
C LEU A 22 -1.67 -3.15 1.89
N GLY A 23 -1.11 -2.31 2.79
CA GLY A 23 0.19 -2.56 3.36
C GLY A 23 0.21 -3.83 4.19
N LEU A 24 -0.90 -4.18 4.84
CA LEU A 24 -1.00 -5.41 5.64
C LEU A 24 -1.16 -6.64 4.74
N GLY A 25 -1.41 -6.42 3.45
CA GLY A 25 -1.67 -7.56 2.58
C GLY A 25 -3.12 -8.11 2.70
N ASP A 26 -4.01 -7.31 3.34
CA ASP A 26 -5.43 -7.79 3.56
C ASP A 26 -6.27 -7.15 2.45
N TYR A 27 -6.16 -7.74 1.24
CA TYR A 27 -6.78 -7.21 0.03
C TYR A 27 -8.30 -7.11 0.04
N ALA A 28 -8.95 -8.19 0.43
CA ALA A 28 -10.39 -8.20 0.50
C ALA A 28 -10.81 -7.09 1.50
N TRP A 29 -10.17 -7.04 2.65
CA TRP A 29 -10.55 -6.00 3.63
C TRP A 29 -10.31 -4.62 3.05
N ALA A 30 -9.23 -4.44 2.26
CA ALA A 30 -8.95 -3.16 1.63
C ALA A 30 -10.09 -2.80 0.67
N CYS A 31 -10.60 -3.78 -0.06
CA CYS A 31 -11.67 -3.53 -0.99
C CYS A 31 -12.96 -3.14 -0.25
N PHE A 32 -13.21 -3.83 0.86
CA PHE A 32 -14.39 -3.49 1.65
C PHE A 32 -14.25 -2.04 2.19
N ALA A 33 -13.09 -1.72 2.72
CA ALA A 33 -12.86 -0.38 3.26
C ALA A 33 -12.98 0.65 2.15
N ALA A 34 -12.59 0.34 0.91
CA ALA A 34 -12.76 1.29 -0.18
C ALA A 34 -14.24 1.50 -0.47
N GLN A 35 -15.00 0.42 -0.54
CA GLN A 35 -16.46 0.62 -0.76
C GLN A 35 -17.03 1.49 0.43
N GLN A 36 -16.53 1.26 1.65
CA GLN A 36 -17.03 2.00 2.80
C GLN A 36 -16.66 3.48 2.71
N ALA A 37 -15.46 3.76 2.15
CA ALA A 37 -15.05 5.18 1.95
C ALA A 37 -16.03 5.82 0.99
N ALA A 38 -16.29 5.13 -0.13
CA ALA A 38 -17.22 5.70 -1.12
C ALA A 38 -18.62 5.93 -0.57
N GLU A 39 -19.09 4.94 0.18
CA GLU A 39 -20.41 4.99 0.75
C GLU A 39 -20.54 6.20 1.73
N ALA A 40 -19.60 6.28 2.67
CA ALA A 40 -19.62 7.36 3.69
C ALA A 40 -19.52 8.78 3.00
N ALA A 41 -18.68 8.86 1.98
CA ALA A 41 -18.50 10.15 1.27
C ALA A 41 -19.80 10.54 0.62
N LEU A 42 -20.47 9.59 -0.07
CA LEU A 42 -21.73 9.94 -0.71
C LEU A 42 -22.81 10.24 0.31
N LYS A 43 -22.84 9.51 1.44
CA LYS A 43 -23.85 9.82 2.46
C LYS A 43 -23.58 11.27 2.96
N GLY A 44 -22.30 11.66 3.06
CA GLY A 44 -22.01 13.00 3.49
C GLY A 44 -22.46 14.02 2.43
N LEU A 45 -22.23 13.75 1.15
CA LEU A 45 -22.71 14.65 0.10
C LEU A 45 -24.24 14.76 0.20
N HIS A 46 -24.94 13.65 0.41
CA HIS A 46 -26.39 13.79 0.57
C HIS A 46 -26.79 14.72 1.71
N LEU A 47 -26.17 14.53 2.90
CA LEU A 47 -26.44 15.35 4.08
C LEU A 47 -26.20 16.87 3.79
N ALA A 48 -25.14 17.18 3.08
CA ALA A 48 -24.83 18.58 2.75
C ALA A 48 -25.92 19.21 1.89
N ARG A 49 -26.65 18.40 1.14
CA ARG A 49 -27.75 18.89 0.31
C ARG A 49 -29.07 18.59 0.97
N GLY A 50 -29.05 18.54 2.31
CA GLY A 50 -30.26 18.29 3.08
C GLY A 50 -31.05 17.00 2.89
N GLN A 51 -30.39 15.88 2.58
CA GLN A 51 -31.08 14.61 2.40
C GLN A 51 -30.42 13.53 3.28
N VAL A 52 -31.16 12.53 3.70
CA VAL A 52 -30.48 11.48 4.45
C VAL A 52 -30.56 10.29 3.51
N ALA A 53 -29.44 9.58 3.31
CA ALA A 53 -29.43 8.47 2.38
C ALA A 53 -29.10 7.15 3.08
N TRP A 54 -29.42 6.03 2.46
CA TRP A 54 -29.24 4.76 3.17
C TRP A 54 -28.65 3.71 2.28
N GLY A 55 -28.35 2.59 2.91
CA GLY A 55 -27.90 1.43 2.19
C GLY A 55 -26.43 1.37 1.85
N HIS A 56 -26.09 0.38 1.03
CA HIS A 56 -24.70 0.14 0.67
C HIS A 56 -24.41 0.20 -0.81
N SER A 57 -25.40 0.61 -1.59
CA SER A 57 -25.22 0.69 -3.05
C SER A 57 -24.70 2.06 -3.47
N ILE A 58 -23.44 2.16 -3.87
CA ILE A 58 -23.04 3.46 -4.27
C ILE A 58 -23.76 3.87 -5.63
N LEU A 59 -24.25 2.87 -6.36
CA LEU A 59 -25.08 3.16 -7.56
C LEU A 59 -26.34 3.93 -7.12
N ASP A 60 -27.04 3.45 -6.11
CA ASP A 60 -28.25 4.20 -5.67
C ASP A 60 -27.82 5.58 -5.09
N LEU A 61 -26.71 5.60 -4.34
CA LEU A 61 -26.22 6.82 -3.71
C LEU A 61 -25.97 7.94 -4.73
N LEU A 62 -25.45 7.53 -5.89
CA LEU A 62 -25.17 8.45 -6.97
C LEU A 62 -26.45 8.84 -7.71
N ALA A 63 -27.37 7.88 -7.88
CA ALA A 63 -28.63 8.11 -8.62
C ALA A 63 -29.60 9.00 -7.89
N ASP A 64 -29.52 9.02 -6.58
CA ASP A 64 -30.46 9.80 -5.78
C ASP A 64 -30.00 11.24 -5.52
N LEU A 65 -28.85 11.63 -6.05
CA LEU A 65 -28.36 13.00 -5.82
C LEU A 65 -29.23 14.09 -6.50
N PRO A 66 -29.29 15.31 -5.92
CA PRO A 66 -30.11 16.36 -6.56
C PRO A 66 -29.75 16.56 -8.03
N GLU A 67 -30.75 17.02 -8.76
CA GLU A 67 -30.62 17.22 -10.17
C GLU A 67 -29.49 18.14 -10.52
N ASP A 68 -29.19 19.09 -9.66
CA ASP A 68 -28.09 20.02 -9.99
C ASP A 68 -26.70 19.40 -9.88
N VAL A 69 -26.61 18.16 -9.42
CA VAL A 69 -25.30 17.48 -9.30
C VAL A 69 -25.09 16.63 -10.51
N ASP A 70 -24.08 16.96 -11.28
CA ASP A 70 -23.78 16.19 -12.46
C ASP A 70 -22.85 15.02 -12.13
N VAL A 71 -23.27 13.80 -12.47
CA VAL A 71 -22.49 12.62 -12.17
C VAL A 71 -21.86 12.06 -13.42
N PRO A 72 -20.52 12.13 -13.54
CA PRO A 72 -19.94 11.59 -14.76
C PRO A 72 -20.18 10.09 -14.86
N GLU A 73 -20.23 9.59 -16.09
CA GLU A 73 -20.44 8.17 -16.35
C GLU A 73 -19.39 7.27 -15.71
N ASP A 74 -18.13 7.78 -15.63
CA ASP A 74 -17.08 6.98 -15.04
C ASP A 74 -17.34 6.71 -13.55
N LEU A 75 -18.11 7.58 -12.88
CA LEU A 75 -18.42 7.30 -11.48
C LEU A 75 -19.45 6.16 -11.36
N VAL A 76 -20.34 6.04 -12.38
CA VAL A 76 -21.34 4.99 -12.38
C VAL A 76 -20.60 3.66 -12.55
N GLU A 77 -19.61 3.64 -13.44
CA GLU A 77 -18.88 2.39 -13.61
C GLU A 77 -18.09 2.08 -12.34
N ALA A 78 -17.48 3.09 -11.70
CA ALA A 78 -16.75 2.84 -10.44
C ALA A 78 -17.74 2.24 -9.39
N ALA A 79 -18.94 2.83 -9.31
CA ALA A 79 -19.97 2.38 -8.37
C ALA A 79 -20.25 0.90 -8.58
N LYS A 80 -20.44 0.46 -9.82
CA LYS A 80 -20.75 -0.94 -10.05
C LYS A 80 -19.66 -1.85 -9.57
N VAL A 81 -18.42 -1.43 -9.73
CA VAL A 81 -17.29 -2.26 -9.26
C VAL A 81 -17.29 -2.28 -7.69
N LEU A 82 -17.35 -1.11 -7.08
CA LEU A 82 -17.29 -1.06 -5.61
C LEU A 82 -18.45 -1.77 -4.95
N ASP A 83 -19.58 -1.84 -5.63
CA ASP A 83 -20.78 -2.42 -5.03
C ASP A 83 -20.66 -3.88 -4.77
N LYS A 84 -19.80 -4.53 -5.51
CA LYS A 84 -19.52 -5.94 -5.31
C LYS A 84 -18.57 -6.18 -4.15
N TYR A 85 -18.12 -5.12 -3.48
CA TYR A 85 -17.17 -5.31 -2.35
C TYR A 85 -17.80 -5.18 -0.96
N TYR A 86 -19.10 -4.86 -0.88
CA TYR A 86 -19.71 -4.72 0.43
C TYR A 86 -19.86 -6.09 1.14
N ILE A 87 -20.45 -7.06 0.46
CA ILE A 87 -20.63 -8.36 1.07
C ILE A 87 -19.59 -9.47 0.70
N PRO A 88 -19.29 -9.68 -0.61
CA PRO A 88 -18.34 -10.72 -1.04
C PRO A 88 -16.94 -10.69 -0.47
N THR A 89 -16.50 -9.54 -0.05
CA THR A 89 -15.17 -9.44 0.54
C THR A 89 -15.08 -10.07 1.92
N ARG A 90 -16.21 -10.36 2.56
CA ARG A 90 -16.21 -10.83 3.96
C ARG A 90 -16.97 -12.15 4.18
N TYR A 91 -17.81 -12.53 3.24
CA TYR A 91 -18.68 -13.71 3.47
C TYR A 91 -18.36 -14.82 2.52
N PRO A 92 -17.93 -15.99 3.06
CA PRO A 92 -17.56 -17.15 2.23
C PRO A 92 -18.62 -17.62 1.24
N ASP A 93 -19.88 -17.62 1.64
CA ASP A 93 -20.94 -18.07 0.74
C ASP A 93 -21.15 -17.16 -0.50
N ALA A 94 -20.39 -16.09 -0.65
CA ALA A 94 -20.48 -15.25 -1.88
C ALA A 94 -19.54 -15.87 -2.95
N HIS A 95 -18.80 -16.91 -2.60
CA HIS A 95 -17.89 -17.54 -3.58
C HIS A 95 -18.01 -19.04 -3.55
N PRO A 96 -17.66 -19.70 -4.67
CA PRO A 96 -17.77 -21.17 -4.71
C PRO A 96 -17.05 -21.91 -3.63
N ALA A 97 -15.88 -21.45 -3.27
CA ALA A 97 -15.16 -22.23 -2.31
C ALA A 97 -14.19 -21.38 -1.55
N GLY A 98 -13.71 -21.92 -0.44
CA GLY A 98 -12.76 -21.24 0.42
C GLY A 98 -13.34 -20.01 1.14
N PRO A 99 -12.49 -19.37 1.97
CA PRO A 99 -12.92 -18.18 2.70
C PRO A 99 -13.03 -17.04 1.67
N ALA A 100 -13.77 -16.00 2.02
CA ALA A 100 -13.93 -14.86 1.15
C ALA A 100 -12.58 -14.19 0.83
N ALA A 101 -11.74 -14.00 1.86
CA ALA A 101 -10.46 -13.28 1.74
C ALA A 101 -9.50 -13.63 0.62
N ARG A 102 -9.49 -14.92 0.27
CA ARG A 102 -8.56 -15.41 -0.76
C ARG A 102 -8.93 -15.04 -2.18
N HIS A 103 -10.14 -14.55 -2.38
CA HIS A 103 -10.52 -14.22 -3.74
C HIS A 103 -10.16 -12.81 -4.15
N TYR A 104 -9.37 -12.09 -3.34
CA TYR A 104 -9.07 -10.70 -3.68
C TYR A 104 -7.57 -10.48 -3.80
N THR A 105 -7.11 -9.68 -4.76
CA THR A 105 -5.67 -9.52 -4.99
C THR A 105 -5.22 -8.07 -4.74
N ARG A 106 -3.91 -7.86 -4.76
CA ARG A 106 -3.42 -6.51 -4.55
C ARG A 106 -3.88 -5.56 -5.68
N LEU A 107 -3.77 -6.01 -6.94
CA LEU A 107 -4.13 -5.10 -8.02
C LEU A 107 -5.61 -4.70 -7.92
N GLU A 108 -6.45 -5.67 -7.57
CA GLU A 108 -7.88 -5.36 -7.38
C GLU A 108 -8.12 -4.29 -6.30
N ALA A 109 -7.45 -4.48 -5.18
CA ALA A 109 -7.57 -3.54 -4.07
C ALA A 109 -6.97 -2.20 -4.45
N GLU A 110 -5.85 -2.16 -5.21
CA GLU A 110 -5.36 -0.79 -5.59
C GLU A 110 -6.37 -0.11 -6.51
N GLU A 111 -6.94 -0.89 -7.40
CA GLU A 111 -7.96 -0.33 -8.28
C GLU A 111 -9.16 0.14 -7.41
N ALA A 112 -9.50 -0.66 -6.38
CA ALA A 112 -10.62 -0.27 -5.50
C ALA A 112 -10.31 1.07 -4.82
N LEU A 113 -9.06 1.26 -4.34
CA LEU A 113 -8.68 2.55 -3.75
C LEU A 113 -8.80 3.65 -4.80
N ASP A 114 -8.41 3.37 -6.04
CA ASP A 114 -8.48 4.37 -7.09
C ASP A 114 -9.92 4.83 -7.31
N LEU A 115 -10.83 3.85 -7.36
CA LEU A 115 -12.25 4.14 -7.61
C LEU A 115 -12.86 4.92 -6.42
N ALA A 116 -12.51 4.53 -5.22
CA ALA A 116 -13.04 5.23 -4.07
C ALA A 116 -12.50 6.64 -4.02
N GLN A 117 -11.23 6.81 -4.39
CA GLN A 117 -10.67 8.17 -4.42
C GLN A 117 -11.41 9.06 -5.42
N LYS A 118 -11.78 8.51 -6.57
CA LYS A 118 -12.58 9.29 -7.55
C LYS A 118 -13.90 9.75 -6.93
N ILE A 119 -14.53 8.84 -6.18
CA ILE A 119 -15.80 9.19 -5.54
C ILE A 119 -15.60 10.29 -4.50
N LEU A 120 -14.58 10.12 -3.65
CA LEU A 120 -14.25 11.10 -2.62
C LEU A 120 -13.96 12.47 -3.23
N ALA A 121 -13.23 12.45 -4.33
CA ALA A 121 -12.82 13.76 -4.96
C ALA A 121 -14.03 14.47 -5.55
N PHE A 122 -14.92 13.69 -6.16
CA PHE A 122 -16.18 14.22 -6.73
C PHE A 122 -16.96 14.82 -5.55
N VAL A 123 -17.10 14.07 -4.45
CA VAL A 123 -17.82 14.61 -3.32
C VAL A 123 -17.16 15.89 -2.75
N GLU A 124 -15.84 15.89 -2.63
CA GLU A 124 -15.17 17.07 -2.04
C GLU A 124 -15.41 18.31 -2.91
N GLU A 125 -15.47 18.11 -4.20
CA GLU A 125 -15.72 19.25 -5.05
C GLU A 125 -17.19 19.65 -5.12
N LYS A 126 -18.13 18.73 -4.85
CA LYS A 126 -19.54 19.11 -4.90
C LYS A 126 -20.04 19.63 -3.57
N LEU A 127 -19.21 19.52 -2.53
CA LEU A 127 -19.61 20.04 -1.22
C LEU A 127 -19.31 21.54 -1.11
N MET B 1 -17.32 -29.62 7.46
CA MET B 1 -18.31 -29.98 6.40
C MET B 1 -19.27 -28.80 6.30
N ASN B 2 -20.05 -28.74 5.23
CA ASN B 2 -21.02 -27.66 5.02
C ASN B 2 -20.31 -26.28 4.97
N ARG B 3 -19.02 -26.30 4.66
CA ARG B 3 -18.16 -25.12 4.59
C ARG B 3 -17.85 -24.50 5.93
N ALA B 4 -18.19 -25.22 7.00
CA ALA B 4 -17.92 -24.72 8.34
C ALA B 4 -16.48 -24.23 8.37
N ARG B 5 -15.60 -25.02 7.73
CA ARG B 5 -14.19 -24.70 7.75
C ARG B 5 -13.83 -23.45 7.00
N ASP B 6 -14.57 -23.15 5.93
CA ASP B 6 -14.29 -21.92 5.17
C ASP B 6 -14.59 -20.71 6.07
N TRP B 7 -15.70 -20.80 6.79
CA TRP B 7 -16.11 -19.77 7.73
C TRP B 7 -15.15 -19.60 8.91
N LEU B 8 -14.60 -20.73 9.40
CA LEU B 8 -13.62 -20.64 10.48
C LEU B 8 -12.36 -19.95 9.95
N GLU B 9 -11.93 -20.29 8.74
CA GLU B 9 -10.75 -19.65 8.17
C GLU B 9 -11.01 -18.16 7.90
N GLN B 10 -12.23 -17.83 7.48
CA GLN B 10 -12.58 -16.40 7.29
C GLN B 10 -12.48 -15.72 8.71
N ALA B 11 -13.01 -16.41 9.73
CA ALA B 11 -12.93 -15.87 11.12
C ALA B 11 -11.53 -15.56 11.56
N ARG B 12 -10.61 -16.50 11.26
CA ARG B 12 -9.21 -16.28 11.62
C ARG B 12 -8.59 -15.12 10.86
N HIS B 13 -8.91 -15.02 9.58
CA HIS B 13 -8.42 -13.92 8.78
C HIS B 13 -8.96 -12.57 9.34
N ASN B 14 -10.24 -12.59 9.71
CA ASN B 14 -10.83 -11.40 10.29
C ASN B 14 -10.09 -11.00 11.55
N LEU B 15 -9.71 -11.99 12.36
CA LEU B 15 -9.03 -11.70 13.62
C LEU B 15 -7.64 -11.14 13.32
N ARG B 16 -7.02 -11.67 12.28
CA ARG B 16 -5.68 -11.18 11.89
C ARG B 16 -5.80 -9.76 11.34
N HIS B 17 -6.91 -9.44 10.67
CA HIS B 17 -7.09 -8.07 10.17
C HIS B 17 -7.31 -7.12 11.38
N ALA B 18 -7.99 -7.66 12.39
CA ALA B 18 -8.23 -6.92 13.62
C ALA B 18 -6.86 -6.59 14.26
N GLN B 19 -5.98 -7.60 14.39
CA GLN B 19 -4.64 -7.36 14.95
C GLN B 19 -3.85 -6.33 14.09
N GLY B 20 -3.89 -6.46 12.76
CA GLY B 20 -3.17 -5.47 11.95
C GLY B 20 -3.70 -4.03 12.14
N SER B 21 -5.03 -3.96 12.27
CA SER B 21 -5.72 -2.69 12.42
C SER B 21 -5.25 -2.03 13.71
N LEU B 22 -5.08 -2.84 14.74
CA LEU B 22 -4.63 -2.31 16.03
C LEU B 22 -3.23 -1.68 15.77
N GLY B 23 -2.44 -2.39 14.97
CA GLY B 23 -1.09 -1.94 14.57
C GLY B 23 -1.13 -0.63 13.78
N LEU B 24 -2.16 -0.46 12.95
CA LEU B 24 -2.30 0.77 12.18
C LEU B 24 -2.76 1.94 13.00
N GLY B 25 -3.21 1.66 14.23
CA GLY B 25 -3.78 2.70 15.09
C GLY B 25 -5.25 2.87 14.72
N ASP B 26 -5.81 1.93 13.93
CA ASP B 26 -7.25 2.09 13.47
C ASP B 26 -8.14 1.30 14.45
N TYR B 27 -8.36 1.87 15.65
CA TYR B 27 -9.04 1.10 16.70
C TYR B 27 -10.47 0.73 16.43
N ALA B 28 -11.20 1.67 15.86
CA ALA B 28 -12.64 1.40 15.50
C ALA B 28 -12.71 0.22 14.47
N TRP B 29 -11.85 0.21 13.43
CA TRP B 29 -11.80 -0.87 12.44
C TRP B 29 -11.36 -2.18 13.09
N ALA B 30 -10.45 -2.11 14.07
CA ALA B 30 -10.04 -3.33 14.78
C ALA B 30 -11.27 -3.91 15.54
N CYS B 31 -12.08 -3.03 16.19
CA CYS B 31 -13.23 -3.50 16.93
C CYS B 31 -14.25 -4.16 15.96
N PHE B 32 -14.51 -3.46 14.87
CA PHE B 32 -15.41 -4.03 13.85
C PHE B 32 -14.91 -5.40 13.35
N ALA B 33 -13.62 -5.50 13.00
CA ALA B 33 -13.12 -6.82 12.49
C ALA B 33 -13.23 -7.91 13.55
N ALA B 34 -13.10 -7.54 14.82
CA ALA B 34 -13.21 -8.52 15.90
C ALA B 34 -14.64 -9.04 15.95
N GLN B 35 -15.62 -8.14 15.82
CA GLN B 35 -16.99 -8.60 15.79
C GLN B 35 -17.18 -9.55 14.55
N GLN B 36 -16.55 -9.20 13.41
CA GLN B 36 -16.68 -10.02 12.22
C GLN B 36 -16.00 -11.40 12.42
N ALA B 37 -14.91 -11.46 13.18
CA ALA B 37 -14.29 -12.77 13.45
C ALA B 37 -15.30 -13.60 14.25
N ALA B 38 -15.89 -13.00 15.31
CA ALA B 38 -16.84 -13.76 16.11
C ALA B 38 -18.03 -14.16 15.32
N GLU B 39 -18.55 -13.24 14.52
CA GLU B 39 -19.74 -13.60 13.74
C GLU B 39 -19.48 -14.78 12.75
N ALA B 40 -18.35 -14.71 12.04
CA ALA B 40 -18.05 -15.72 11.04
C ALA B 40 -17.81 -17.06 11.75
N ALA B 41 -17.13 -17.02 12.90
CA ALA B 41 -16.85 -18.27 13.63
C ALA B 41 -18.13 -18.88 14.04
N LEU B 42 -19.05 -18.11 14.64
CA LEU B 42 -20.30 -18.74 15.07
C LEU B 42 -21.16 -19.20 13.89
N LYS B 43 -21.10 -18.47 12.79
CA LYS B 43 -21.89 -18.95 11.66
C LYS B 43 -21.28 -20.32 11.21
N GLY B 44 -19.96 -20.44 11.26
CA GLY B 44 -19.27 -21.67 10.93
C GLY B 44 -19.78 -22.79 11.85
N LEU B 45 -19.92 -22.51 13.15
CA LEU B 45 -20.40 -23.53 14.10
C LEU B 45 -21.83 -23.95 13.81
N HIS B 46 -22.69 -22.97 13.43
CA HIS B 46 -24.04 -23.32 13.07
C HIS B 46 -23.98 -24.25 11.82
N LEU B 47 -23.17 -23.91 10.82
CA LEU B 47 -23.06 -24.76 9.61
C LEU B 47 -22.59 -26.19 10.02
N ALA B 48 -21.52 -26.28 10.81
CA ALA B 48 -21.04 -27.57 11.26
C ALA B 48 -22.16 -28.42 11.89
N ARG B 49 -23.11 -27.74 12.54
CA ARG B 49 -24.24 -28.41 13.16
C ARG B 49 -25.41 -28.50 12.19
N GLY B 50 -25.17 -28.15 10.93
CA GLY B 50 -26.23 -28.22 9.95
C GLY B 50 -27.41 -27.23 10.04
N GLN B 51 -27.14 -26.04 10.60
CA GLN B 51 -28.19 -25.00 10.71
C GLN B 51 -27.66 -23.79 9.92
N VAL B 52 -28.48 -23.01 9.26
CA VAL B 52 -27.81 -21.81 8.73
C VAL B 52 -28.23 -20.70 9.71
N ALA B 53 -27.39 -19.71 9.95
CA ALA B 53 -27.81 -18.65 10.85
C ALA B 53 -27.57 -17.34 10.08
N TRP B 54 -28.22 -16.27 10.52
CA TRP B 54 -28.19 -14.93 9.86
C TRP B 54 -27.94 -13.80 10.87
N GLY B 55 -27.68 -12.62 10.34
CA GLY B 55 -27.55 -11.48 11.21
C GLY B 55 -26.14 -11.21 11.68
N HIS B 56 -26.05 -10.21 12.53
CA HIS B 56 -24.77 -9.78 13.04
C HIS B 56 -24.77 -9.86 14.54
N SER B 57 -25.84 -10.41 15.14
CA SER B 57 -25.86 -10.50 16.60
C SER B 57 -25.15 -11.77 17.14
N ILE B 58 -24.02 -11.58 17.78
CA ILE B 58 -23.27 -12.69 18.38
C ILE B 58 -24.16 -13.25 19.51
N LEU B 59 -24.95 -12.39 20.14
CA LEU B 59 -25.83 -12.83 21.22
C LEU B 59 -26.91 -13.81 20.67
N ASP B 60 -27.57 -13.43 19.59
CA ASP B 60 -28.57 -14.31 18.94
C ASP B 60 -27.84 -15.56 18.41
N LEU B 61 -26.63 -15.43 17.85
CA LEU B 61 -25.92 -16.58 17.30
C LEU B 61 -25.60 -17.58 18.41
N LEU B 62 -25.28 -17.09 19.61
CA LEU B 62 -25.05 -17.99 20.73
C LEU B 62 -26.36 -18.56 21.25
N ALA B 63 -27.39 -17.71 21.38
CA ALA B 63 -28.66 -18.18 21.93
C ALA B 63 -29.36 -19.22 21.07
N ASP B 64 -29.15 -19.14 19.75
CA ASP B 64 -29.79 -20.06 18.81
C ASP B 64 -29.04 -21.39 18.58
N LEU B 65 -27.95 -21.62 19.29
CA LEU B 65 -27.19 -22.86 19.11
C LEU B 65 -28.02 -24.01 19.69
N PRO B 66 -27.71 -25.25 19.30
CA PRO B 66 -28.48 -26.40 19.83
C PRO B 66 -28.34 -26.57 21.34
N GLU B 67 -29.47 -26.90 21.97
CA GLU B 67 -29.56 -27.11 23.41
C GLU B 67 -28.34 -27.82 24.01
N ASP B 68 -27.79 -28.80 23.31
CA ASP B 68 -26.66 -29.51 23.87
C ASP B 68 -25.33 -28.80 23.84
N VAL B 69 -25.28 -27.59 23.28
CA VAL B 69 -24.02 -26.87 23.27
C VAL B 69 -24.01 -26.05 24.56
N ASP B 70 -23.01 -26.27 25.39
CA ASP B 70 -22.94 -25.49 26.62
C ASP B 70 -22.25 -24.13 26.41
N VAL B 71 -22.98 -23.05 26.69
CA VAL B 71 -22.41 -21.72 26.49
C VAL B 71 -22.10 -21.02 27.83
N PRO B 72 -20.82 -20.89 28.17
CA PRO B 72 -20.49 -20.21 29.44
C PRO B 72 -21.05 -18.76 29.43
N GLU B 73 -21.43 -18.23 30.59
CA GLU B 73 -21.99 -16.88 30.70
C GLU B 73 -21.03 -15.84 30.17
N ASP B 74 -19.78 -16.22 30.26
CA ASP B 74 -18.59 -15.50 29.76
C ASP B 74 -18.71 -15.03 28.31
N LEU B 75 -19.12 -15.98 27.49
CA LEU B 75 -19.33 -15.77 26.05
C LEU B 75 -20.53 -14.88 25.80
N VAL B 76 -21.58 -15.04 26.57
CA VAL B 76 -22.72 -14.18 26.43
C VAL B 76 -22.32 -12.75 26.73
N GLU B 77 -21.53 -12.59 27.81
CA GLU B 77 -21.10 -11.28 28.19
C GLU B 77 -20.24 -10.71 27.08
N ALA B 78 -19.34 -11.52 26.57
CA ALA B 78 -18.47 -11.11 25.46
C ALA B 78 -19.29 -10.73 24.22
N ALA B 79 -20.33 -11.50 23.92
CA ALA B 79 -21.21 -11.20 22.78
C ALA B 79 -21.84 -9.82 22.88
N LYS B 80 -22.30 -9.47 24.07
CA LYS B 80 -22.93 -8.18 24.28
C LYS B 80 -21.99 -7.04 23.94
N VAL B 81 -20.74 -7.18 24.35
CA VAL B 81 -19.71 -6.14 24.04
C VAL B 81 -19.43 -6.10 22.53
N LEU B 82 -19.17 -7.27 21.94
CA LEU B 82 -18.87 -7.27 20.51
C LEU B 82 -20.02 -6.80 19.64
N ASP B 83 -21.25 -7.02 20.07
CA ASP B 83 -22.40 -6.64 19.28
C ASP B 83 -22.47 -5.12 19.06
N LYS B 84 -21.86 -4.35 19.96
CA LYS B 84 -21.87 -2.90 19.78
C LYS B 84 -20.82 -2.40 18.77
N TYR B 85 -20.09 -3.30 18.12
CA TYR B 85 -19.07 -2.84 17.20
C TYR B 85 -19.44 -3.11 15.77
N TYR B 86 -20.62 -3.68 15.51
CA TYR B 86 -20.96 -3.94 14.12
C TYR B 86 -21.24 -2.61 13.35
N ILE B 87 -22.11 -1.77 13.88
CA ILE B 87 -22.41 -0.47 13.23
C ILE B 87 -21.68 0.82 13.76
N PRO B 88 -21.64 1.00 15.10
CA PRO B 88 -21.03 2.23 15.63
C PRO B 88 -19.56 2.51 15.29
N THR B 89 -18.81 1.47 15.00
CA THR B 89 -17.40 1.65 14.64
C THR B 89 -17.19 2.28 13.24
N ARG B 90 -18.25 2.31 12.42
CA ARG B 90 -18.14 2.79 11.03
C ARG B 90 -19.06 3.91 10.67
N TYR B 91 -20.10 4.13 11.47
CA TYR B 91 -21.09 5.14 11.07
C TYR B 91 -21.17 6.30 12.09
N PRO B 92 -20.95 7.54 11.62
CA PRO B 92 -20.95 8.72 12.52
C PRO B 92 -22.25 8.97 13.22
N ASP B 93 -23.36 8.60 12.58
CA ASP B 93 -24.64 8.89 13.20
C ASP B 93 -24.85 7.98 14.41
N ALA B 94 -23.93 7.07 14.69
CA ALA B 94 -24.13 6.28 15.89
C ALA B 94 -23.50 7.03 17.10
N HIS B 95 -22.92 8.22 16.87
CA HIS B 95 -22.28 8.98 17.95
C HIS B 95 -22.80 10.43 17.91
N PRO B 96 -22.61 11.20 19.00
CA PRO B 96 -23.10 12.58 19.04
C PRO B 96 -22.40 13.56 18.12
N ALA B 97 -21.12 13.37 17.89
CA ALA B 97 -20.39 14.28 17.05
C ALA B 97 -19.18 13.61 16.51
N GLY B 98 -18.65 14.20 15.45
CA GLY B 98 -17.44 13.72 14.82
C GLY B 98 -17.68 12.46 14.02
N PRO B 99 -16.61 11.91 13.42
CA PRO B 99 -16.69 10.68 12.64
C PRO B 99 -16.74 9.54 13.72
N ALA B 100 -17.13 8.35 13.29
CA ALA B 100 -17.19 7.22 14.22
C ALA B 100 -15.83 6.84 14.76
N ALA B 101 -14.85 6.86 13.87
CA ALA B 101 -13.50 6.43 14.18
C ALA B 101 -12.85 7.00 15.43
N ARG B 102 -13.12 8.27 15.69
CA ARG B 102 -12.46 8.86 16.86
C ARG B 102 -12.96 8.40 18.22
N HIS B 103 -14.10 7.69 18.26
CA HIS B 103 -14.63 7.22 19.55
C HIS B 103 -14.17 5.88 20.09
N TYR B 104 -13.13 5.31 19.50
CA TYR B 104 -12.63 3.98 19.90
C TYR B 104 -11.17 4.06 20.29
N THR B 105 -10.83 3.37 21.40
CA THR B 105 -9.50 3.44 21.93
C THR B 105 -8.70 2.20 21.74
N ARG B 106 -7.41 2.38 21.97
CA ARG B 106 -6.54 1.27 21.87
C ARG B 106 -6.97 0.17 22.86
N LEU B 107 -7.32 0.53 24.11
CA LEU B 107 -7.70 -0.50 25.06
C LEU B 107 -8.97 -1.22 24.56
N GLU B 108 -9.93 -0.44 24.01
CA GLU B 108 -11.14 -1.08 23.50
C GLU B 108 -10.80 -2.11 22.44
N ALA B 109 -9.85 -1.76 21.58
CA ALA B 109 -9.46 -2.65 20.51
C ALA B 109 -8.73 -3.84 21.08
N GLU B 110 -7.84 -3.61 22.06
CA GLU B 110 -7.16 -4.75 22.66
C GLU B 110 -8.14 -5.73 23.25
N GLU B 111 -9.13 -5.23 23.98
CA GLU B 111 -10.08 -6.15 24.56
C GLU B 111 -10.98 -6.85 23.52
N ALA B 112 -11.36 -6.14 22.47
CA ALA B 112 -12.21 -6.76 21.45
C ALA B 112 -11.44 -7.99 20.86
N LEU B 113 -10.13 -7.83 20.62
CA LEU B 113 -9.33 -8.95 20.09
C LEU B 113 -9.44 -10.13 21.03
N ASP B 114 -9.30 -9.83 22.32
CA ASP B 114 -9.37 -10.87 23.33
C ASP B 114 -10.74 -11.57 23.32
N LEU B 115 -11.80 -10.77 23.19
CA LEU B 115 -13.15 -11.34 23.25
C LEU B 115 -13.41 -12.18 22.00
N ALA B 116 -12.94 -11.71 20.84
CA ALA B 116 -13.16 -12.51 19.62
C ALA B 116 -12.35 -13.83 19.72
N GLN B 117 -11.12 -13.76 20.27
CA GLN B 117 -10.26 -14.99 20.46
C GLN B 117 -11.05 -15.95 21.35
N LYS B 118 -11.66 -15.42 22.43
CA LYS B 118 -12.48 -16.28 23.31
C LYS B 118 -13.57 -17.00 22.52
N ILE B 119 -14.30 -16.24 21.70
CA ILE B 119 -15.34 -16.82 20.88
C ILE B 119 -14.77 -17.86 19.87
N LEU B 120 -13.66 -17.53 19.19
CA LEU B 120 -13.09 -18.46 18.21
C LEU B 120 -12.63 -19.79 18.84
N ALA B 121 -11.98 -19.67 20.00
CA ALA B 121 -11.51 -20.84 20.74
C ALA B 121 -12.72 -21.71 21.11
N PHE B 122 -13.81 -21.11 21.57
CA PHE B 122 -15.02 -21.84 21.90
C PHE B 122 -15.57 -22.65 20.70
N VAL B 123 -15.66 -21.99 19.56
CA VAL B 123 -16.14 -22.61 18.35
C VAL B 123 -15.18 -23.75 17.93
N GLU B 124 -13.88 -23.50 17.93
CA GLU B 124 -12.95 -24.55 17.54
C GLU B 124 -13.20 -25.75 18.45
N GLU B 125 -13.36 -25.46 19.74
CA GLU B 125 -13.65 -26.47 20.76
C GLU B 125 -14.90 -27.30 20.52
N LYS B 126 -16.01 -26.63 20.17
CA LYS B 126 -17.30 -27.30 19.93
C LYS B 126 -17.47 -27.78 18.50
N LEU B 127 -16.54 -27.42 17.63
CA LEU B 127 -16.63 -27.73 16.22
C LEU B 127 -16.74 -29.21 15.86
N MET C 1 39.54 -6.13 3.96
CA MET C 1 38.11 -5.72 4.07
C MET C 1 37.52 -5.64 2.65
N ASN C 2 38.42 -5.54 1.69
CA ASN C 2 38.10 -5.42 0.26
C ASN C 2 36.85 -4.61 -0.11
N ARG C 3 36.88 -3.34 0.29
CA ARG C 3 35.80 -2.38 0.02
C ARG C 3 34.53 -2.56 0.88
N ALA C 4 34.52 -3.56 1.75
CA ALA C 4 33.34 -3.72 2.62
C ALA C 4 32.91 -2.40 3.34
N ARG C 5 33.86 -1.61 3.84
CA ARG C 5 33.45 -0.42 4.55
C ARG C 5 32.82 0.62 3.61
N ASP C 6 33.31 0.66 2.37
CA ASP C 6 32.78 1.53 1.31
C ASP C 6 31.29 1.22 1.10
N TRP C 7 30.96 -0.08 1.04
CA TRP C 7 29.56 -0.45 0.87
C TRP C 7 28.73 -0.10 2.07
N LEU C 8 29.30 -0.28 3.29
CA LEU C 8 28.57 0.06 4.52
C LEU C 8 28.37 1.57 4.56
N GLU C 9 29.36 2.37 4.15
CA GLU C 9 29.09 3.83 4.14
C GLU C 9 27.97 4.13 3.11
N GLN C 10 28.05 3.52 1.95
CA GLN C 10 26.97 3.73 0.94
C GLN C 10 25.58 3.40 1.55
N ALA C 11 25.55 2.31 2.34
CA ALA C 11 24.30 1.88 2.96
C ALA C 11 23.83 2.91 3.94
N ARG C 12 24.76 3.49 4.73
CA ARG C 12 24.28 4.52 5.68
C ARG C 12 23.85 5.78 4.97
N HIS C 13 24.49 6.09 3.85
CA HIS C 13 24.10 7.27 3.08
C HIS C 13 22.70 6.99 2.48
N ASN C 14 22.50 5.78 1.95
CA ASN C 14 21.14 5.41 1.43
C ASN C 14 20.09 5.56 2.50
N LEU C 15 20.42 5.11 3.72
CA LEU C 15 19.41 5.23 4.78
C LEU C 15 19.13 6.70 5.11
N ARG C 16 20.18 7.53 5.15
CA ARG C 16 19.95 8.96 5.41
C ARG C 16 19.14 9.54 4.31
N HIS C 17 19.39 9.06 3.09
CA HIS C 17 18.59 9.55 1.98
C HIS C 17 17.11 9.12 2.15
N ALA C 18 16.91 7.90 2.64
CA ALA C 18 15.53 7.41 2.88
C ALA C 18 14.84 8.32 3.92
N GLN C 19 15.59 8.70 4.99
CA GLN C 19 15.06 9.61 6.02
C GLN C 19 14.70 10.95 5.41
N GLY C 20 15.62 11.51 4.61
CA GLY C 20 15.32 12.77 3.95
C GLY C 20 14.13 12.68 2.98
N SER C 21 13.97 11.52 2.32
CA SER C 21 12.84 11.35 1.38
C SER C 21 11.53 11.37 2.23
N LEU C 22 11.54 10.60 3.33
CA LEU C 22 10.39 10.61 4.27
C LEU C 22 10.10 12.10 4.63
N GLY C 23 11.14 12.88 4.95
CA GLY C 23 10.94 14.29 5.27
C GLY C 23 10.31 15.07 4.13
N LEU C 24 10.64 14.73 2.89
CA LEU C 24 10.07 15.46 1.76
C LEU C 24 8.64 14.98 1.43
N GLY C 25 8.18 13.92 2.09
CA GLY C 25 6.87 13.34 1.79
C GLY C 25 6.91 12.38 0.57
N ASP C 26 8.12 11.94 0.17
CA ASP C 26 8.27 11.03 -1.01
C ASP C 26 8.41 9.63 -0.41
N TYR C 27 7.28 9.04 -0.04
CA TYR C 27 7.29 7.76 0.62
C TYR C 27 7.73 6.59 -0.23
N ALA C 28 7.37 6.60 -1.51
CA ALA C 28 7.78 5.51 -2.38
C ALA C 28 9.29 5.56 -2.52
N TRP C 29 9.82 6.76 -2.75
CA TRP C 29 11.29 6.81 -2.82
C TRP C 29 11.97 6.44 -1.50
N ALA C 30 11.31 6.76 -0.36
CA ALA C 30 11.92 6.43 0.89
C ALA C 30 12.02 4.91 1.00
N CYS C 31 10.94 4.23 0.60
CA CYS C 31 10.92 2.75 0.66
C CYS C 31 11.98 2.23 -0.30
N PHE C 32 12.08 2.85 -1.47
CA PHE C 32 13.11 2.34 -2.37
C PHE C 32 14.53 2.54 -1.76
N ALA C 33 14.78 3.71 -1.19
CA ALA C 33 16.10 3.96 -0.63
C ALA C 33 16.37 3.02 0.55
N ALA C 34 15.31 2.65 1.28
CA ALA C 34 15.46 1.74 2.42
C ALA C 34 15.92 0.35 1.90
N GLN C 35 15.25 -0.16 0.84
CA GLN C 35 15.72 -1.43 0.26
C GLN C 35 17.16 -1.26 -0.23
N GLN C 36 17.48 -0.09 -0.81
CA GLN C 36 18.86 0.14 -1.31
C GLN C 36 19.92 0.13 -0.15
N ALA C 37 19.55 0.73 0.98
CA ALA C 37 20.39 0.70 2.20
C ALA C 37 20.68 -0.78 2.61
N ALA C 38 19.61 -1.55 2.73
CA ALA C 38 19.74 -2.97 3.12
C ALA C 38 20.54 -3.74 2.11
N GLU C 39 20.30 -3.50 0.83
CA GLU C 39 21.07 -4.23 -0.21
C GLU C 39 22.59 -3.90 -0.16
N ALA C 40 22.90 -2.61 -0.08
CA ALA C 40 24.32 -2.19 -0.04
C ALA C 40 24.97 -2.75 1.24
N ALA C 41 24.24 -2.68 2.38
CA ALA C 41 24.82 -3.20 3.66
C ALA C 41 25.19 -4.70 3.55
N LEU C 42 24.27 -5.50 3.00
CA LEU C 42 24.56 -6.93 2.83
C LEU C 42 25.59 -7.22 1.76
N LYS C 43 25.66 -6.41 0.67
CA LYS C 43 26.69 -6.75 -0.28
C LYS C 43 28.04 -6.47 0.42
N GLY C 44 28.05 -5.49 1.34
CA GLY C 44 29.30 -5.19 2.05
C GLY C 44 29.71 -6.34 3.03
N LEU C 45 28.72 -6.90 3.70
CA LEU C 45 29.01 -8.01 4.61
C LEU C 45 29.57 -9.18 3.74
N HIS C 46 29.02 -9.44 2.56
CA HIS C 46 29.55 -10.51 1.72
C HIS C 46 31.00 -10.30 1.39
N LEU C 47 31.30 -9.06 0.99
CA LEU C 47 32.65 -8.68 0.66
C LEU C 47 33.55 -8.81 1.90
N ALA C 48 33.06 -8.44 3.07
CA ALA C 48 33.92 -8.56 4.22
C ALA C 48 34.25 -10.04 4.36
N ARG C 49 33.35 -10.92 3.96
CA ARG C 49 33.60 -12.36 4.09
C ARG C 49 34.20 -12.96 2.87
N GLY C 50 34.83 -12.15 2.03
CA GLY C 50 35.45 -12.70 0.85
C GLY C 50 34.54 -13.12 -0.31
N GLN C 51 33.24 -12.84 -0.24
CA GLN C 51 32.31 -13.19 -1.33
C GLN C 51 31.82 -11.98 -2.17
N VAL C 52 31.54 -12.17 -3.45
CA VAL C 52 30.96 -11.06 -4.25
C VAL C 52 29.48 -11.43 -4.52
N ALA C 53 28.54 -10.67 -3.98
CA ALA C 53 27.09 -10.96 -4.16
C ALA C 53 26.39 -10.07 -5.21
N TRP C 54 25.25 -10.53 -5.70
CA TRP C 54 24.57 -9.81 -6.74
C TRP C 54 23.08 -9.71 -6.52
N GLY C 55 22.45 -8.87 -7.34
CA GLY C 55 20.99 -8.76 -7.32
C GLY C 55 20.41 -7.76 -6.33
N HIS C 56 19.10 -7.80 -6.24
CA HIS C 56 18.36 -6.88 -5.40
C HIS C 56 17.53 -7.62 -4.41
N SER C 57 17.80 -8.89 -4.24
CA SER C 57 16.99 -9.63 -3.26
C SER C 57 17.66 -9.72 -1.90
N ILE C 58 17.13 -9.02 -0.92
CA ILE C 58 17.61 -9.15 0.46
C ILE C 58 17.49 -10.60 0.94
N LEU C 59 16.44 -11.31 0.49
CA LEU C 59 16.30 -12.75 0.87
C LEU C 59 17.49 -13.60 0.38
N ASP C 60 17.83 -13.48 -0.91
CA ASP C 60 18.98 -14.22 -1.41
C ASP C 60 20.25 -13.69 -0.72
N LEU C 61 20.32 -12.36 -0.47
CA LEU C 61 21.55 -11.83 0.16
C LEU C 61 21.81 -12.39 1.58
N LEU C 62 20.74 -12.56 2.36
CA LEU C 62 20.84 -13.19 3.69
C LEU C 62 21.05 -14.72 3.56
N ALA C 63 20.41 -15.40 2.59
CA ALA C 63 20.55 -16.88 2.47
C ALA C 63 21.92 -17.32 2.03
N ASP C 64 22.57 -16.49 1.25
CA ASP C 64 23.87 -16.83 0.73
C ASP C 64 25.06 -16.55 1.66
N LEU C 65 24.80 -16.08 2.87
CA LEU C 65 25.90 -15.73 3.78
C LEU C 65 26.52 -17.02 4.31
N PRO C 66 27.83 -16.98 4.65
CA PRO C 66 28.58 -18.13 5.15
C PRO C 66 27.84 -18.78 6.30
N GLU C 67 28.15 -20.05 6.54
CA GLU C 67 27.47 -20.81 7.59
C GLU C 67 27.64 -20.22 9.01
N ASP C 68 28.79 -19.60 9.23
CA ASP C 68 29.12 -19.07 10.52
C ASP C 68 28.29 -17.85 10.89
N VAL C 69 27.56 -17.27 9.93
CA VAL C 69 26.74 -16.09 10.26
C VAL C 69 25.33 -16.55 10.55
N ASP C 70 24.85 -16.26 11.75
CA ASP C 70 23.53 -16.67 12.16
C ASP C 70 22.52 -15.60 11.81
N VAL C 71 21.57 -15.91 10.91
CA VAL C 71 20.56 -14.93 10.53
C VAL C 71 19.25 -15.03 11.34
N PRO C 72 18.90 -13.99 12.13
CA PRO C 72 17.64 -14.12 12.87
C PRO C 72 16.43 -14.12 11.94
N GLU C 73 15.43 -14.95 12.26
CA GLU C 73 14.21 -15.07 11.48
C GLU C 73 13.53 -13.71 11.22
N ASP C 74 13.62 -12.79 12.18
CA ASP C 74 12.98 -11.52 11.92
C ASP C 74 13.70 -10.69 10.82
N LEU C 75 14.92 -11.08 10.40
CA LEU C 75 15.55 -10.31 9.32
C LEU C 75 15.05 -10.90 7.97
N VAL C 76 14.65 -12.17 7.99
CA VAL C 76 14.11 -12.84 6.79
C VAL C 76 12.75 -12.22 6.53
N GLU C 77 11.97 -11.97 7.59
CA GLU C 77 10.68 -11.32 7.39
C GLU C 77 10.91 -9.88 6.91
N ALA C 78 11.93 -9.21 7.43
CA ALA C 78 12.19 -7.84 6.93
C ALA C 78 12.58 -7.87 5.44
N ALA C 79 13.43 -8.82 5.06
CA ALA C 79 13.86 -8.95 3.66
C ALA C 79 12.67 -9.15 2.73
N LYS C 80 11.67 -9.93 3.14
CA LYS C 80 10.49 -10.16 2.31
C LYS C 80 9.82 -8.84 2.07
N VAL C 81 9.64 -8.05 3.12
CA VAL C 81 9.00 -6.75 2.94
C VAL C 81 9.80 -5.78 2.02
N LEU C 82 11.06 -5.60 2.34
CA LEU C 82 11.90 -4.67 1.59
C LEU C 82 12.08 -5.08 0.13
N ASP C 83 12.06 -6.37 -0.16
CA ASP C 83 12.27 -6.86 -1.55
C ASP C 83 11.22 -6.36 -2.50
N LYS C 84 10.05 -6.07 -1.94
CA LYS C 84 8.96 -5.56 -2.75
C LYS C 84 9.06 -4.05 -3.04
N TYR C 85 10.12 -3.41 -2.55
CA TYR C 85 10.30 -1.96 -2.78
C TYR C 85 11.33 -1.61 -3.85
N TYR C 86 11.99 -2.61 -4.42
CA TYR C 86 13.00 -2.32 -5.44
C TYR C 86 12.36 -1.78 -6.76
N ILE C 87 11.31 -2.46 -7.24
CA ILE C 87 10.61 -2.05 -8.48
C ILE C 87 9.29 -1.33 -8.39
N PRO C 88 8.35 -1.85 -7.61
CA PRO C 88 7.04 -1.21 -7.51
C PRO C 88 6.98 0.23 -7.07
N THR C 89 8.01 0.68 -6.36
CA THR C 89 8.06 2.06 -5.92
C THR C 89 8.40 3.07 -7.01
N ARG C 90 8.94 2.59 -8.14
CA ARG C 90 9.32 3.53 -9.19
C ARG C 90 8.62 3.30 -10.53
N TYR C 91 8.02 2.11 -10.73
CA TYR C 91 7.42 1.74 -12.00
C TYR C 91 5.89 1.64 -11.97
N PRO C 92 5.20 2.52 -12.72
CA PRO C 92 3.74 2.51 -12.76
C PRO C 92 3.15 1.19 -13.14
N ASP C 93 3.85 0.39 -13.97
CA ASP C 93 3.22 -0.88 -14.39
C ASP C 93 3.15 -1.96 -13.34
N ALA C 94 3.71 -1.71 -12.13
CA ALA C 94 3.54 -2.68 -11.04
C ALA C 94 2.17 -2.35 -10.34
N HIS C 95 1.39 -1.43 -10.91
CA HIS C 95 0.07 -1.02 -10.32
C HIS C 95 -0.97 -0.90 -11.42
N PRO C 96 -2.25 -0.83 -11.05
CA PRO C 96 -3.23 -0.76 -12.12
C PRO C 96 -3.41 0.59 -12.78
N ALA C 97 -3.11 1.64 -12.05
CA ALA C 97 -3.31 2.96 -12.59
C ALA C 97 -2.48 3.94 -11.81
N GLY C 98 -2.14 5.07 -12.42
CA GLY C 98 -1.46 6.14 -11.73
C GLY C 98 0.06 6.00 -11.67
N PRO C 99 0.75 6.98 -11.10
CA PRO C 99 2.21 6.92 -10.97
C PRO C 99 2.49 5.85 -9.85
N ALA C 100 3.69 5.29 -9.81
CA ALA C 100 3.96 4.26 -8.85
C ALA C 100 3.84 4.67 -7.37
N ALA C 101 4.05 5.93 -7.04
CA ALA C 101 4.09 6.34 -5.63
C ALA C 101 2.74 6.48 -4.99
N ARG C 102 1.71 6.43 -5.84
CA ARG C 102 0.34 6.62 -5.42
C ARG C 102 -0.11 5.93 -4.17
N HIS C 103 0.16 4.63 -4.04
CA HIS C 103 -0.33 3.94 -2.87
C HIS C 103 0.57 3.77 -1.68
N TYR C 104 1.76 4.35 -1.72
CA TYR C 104 2.69 4.25 -0.58
C TYR C 104 2.35 5.27 0.53
N THR C 105 2.39 4.78 1.77
CA THR C 105 2.04 5.61 2.94
C THR C 105 3.26 6.03 3.80
N ARG C 106 3.01 6.95 4.73
CA ARG C 106 4.02 7.44 5.63
C ARG C 106 4.38 6.29 6.53
N LEU C 107 3.38 5.58 7.05
CA LEU C 107 3.65 4.46 7.94
C LEU C 107 4.49 3.36 7.27
N GLU C 108 4.18 3.06 6.01
CA GLU C 108 4.98 2.05 5.30
C GLU C 108 6.44 2.53 5.21
N ALA C 109 6.64 3.81 4.95
CA ALA C 109 7.97 4.33 4.81
C ALA C 109 8.72 4.30 6.16
N GLU C 110 8.00 4.63 7.26
CA GLU C 110 8.64 4.63 8.57
C GLU C 110 9.08 3.22 8.92
N GLU C 111 8.22 2.24 8.60
CA GLU C 111 8.57 0.83 8.87
C GLU C 111 9.76 0.39 7.99
N ALA C 112 9.77 0.81 6.70
CA ALA C 112 10.88 0.47 5.77
C ALA C 112 12.22 0.95 6.40
N LEU C 113 12.24 2.22 6.82
CA LEU C 113 13.42 2.75 7.55
C LEU C 113 13.84 1.87 8.75
N ASP C 114 12.88 1.49 9.60
CA ASP C 114 13.21 0.63 10.74
C ASP C 114 13.75 -0.75 10.31
N LEU C 115 13.17 -1.34 9.25
CA LEU C 115 13.61 -2.64 8.79
C LEU C 115 15.05 -2.56 8.24
N ALA C 116 15.31 -1.52 7.45
CA ALA C 116 16.66 -1.33 6.88
C ALA C 116 17.64 -1.08 8.03
N GLN C 117 17.20 -0.30 9.00
CA GLN C 117 18.09 -0.04 10.16
C GLN C 117 18.49 -1.34 10.82
N LYS C 118 17.50 -2.25 10.94
CA LYS C 118 17.75 -3.55 11.54
C LYS C 118 18.80 -4.33 10.77
N ILE C 119 18.69 -4.27 9.45
CA ILE C 119 19.62 -4.98 8.61
C ILE C 119 21.00 -4.34 8.76
N LEU C 120 21.05 -3.00 8.79
CA LEU C 120 22.38 -2.34 8.88
C LEU C 120 23.07 -2.68 10.22
N ALA C 121 22.30 -2.68 11.31
CA ALA C 121 22.81 -2.99 12.68
C ALA C 121 23.37 -4.41 12.66
N PHE C 122 22.66 -5.32 12.02
CA PHE C 122 23.09 -6.71 11.88
C PHE C 122 24.42 -6.77 11.13
N VAL C 123 24.52 -6.05 10.03
CA VAL C 123 25.75 -6.09 9.27
C VAL C 123 26.91 -5.49 10.11
N GLU C 124 26.66 -4.33 10.69
CA GLU C 124 27.72 -3.70 11.47
C GLU C 124 28.23 -4.71 12.52
N GLU C 125 27.33 -5.41 13.19
CA GLU C 125 27.74 -6.38 14.18
C GLU C 125 28.54 -7.60 13.62
N LYS C 126 28.09 -8.18 12.51
CA LYS C 126 28.72 -9.35 11.93
C LYS C 126 29.96 -9.05 11.10
N LEU C 127 30.17 -7.79 10.80
CA LEU C 127 31.26 -7.43 9.94
C LEU C 127 32.51 -8.01 10.55
N MET D 1 -2.67 7.95 -21.45
CA MET D 1 -3.17 7.32 -22.79
C MET D 1 -2.44 5.98 -22.97
N ASN D 2 -3.16 4.89 -22.69
CA ASN D 2 -2.62 3.52 -22.55
C ASN D 2 -1.44 3.65 -21.54
N ARG D 3 -1.77 4.41 -20.49
CA ARG D 3 -0.91 4.70 -19.37
C ARG D 3 0.23 5.64 -19.61
N ALA D 4 0.30 6.20 -20.81
CA ALA D 4 1.36 7.17 -21.07
C ALA D 4 1.36 8.27 -19.99
N ARG D 5 0.17 8.81 -19.67
CA ARG D 5 0.07 9.91 -18.69
C ARG D 5 0.58 9.51 -17.31
N ASP D 6 0.38 8.24 -16.95
CA ASP D 6 0.83 7.72 -15.69
C ASP D 6 2.40 7.72 -15.61
N TRP D 7 3.04 7.36 -16.73
CA TRP D 7 4.50 7.35 -16.81
C TRP D 7 5.00 8.80 -16.85
N LEU D 8 4.27 9.72 -17.49
CA LEU D 8 4.74 11.12 -17.44
C LEU D 8 4.62 11.63 -15.98
N GLU D 9 3.56 11.27 -15.29
CA GLU D 9 3.44 11.66 -13.86
C GLU D 9 4.59 11.04 -13.05
N GLN D 10 4.91 9.80 -13.35
CA GLN D 10 6.05 9.20 -12.62
C GLN D 10 7.29 10.06 -12.94
N ALA D 11 7.48 10.40 -14.23
CA ALA D 11 8.65 11.22 -14.64
C ALA D 11 8.73 12.49 -13.79
N ARG D 12 7.57 13.17 -13.64
CA ARG D 12 7.54 14.38 -12.84
C ARG D 12 7.77 14.09 -11.38
N HIS D 13 7.23 13.01 -10.82
CA HIS D 13 7.54 12.74 -9.38
C HIS D 13 9.07 12.52 -9.24
N ASN D 14 9.66 11.84 -10.23
CA ASN D 14 11.10 11.57 -10.18
C ASN D 14 11.93 12.88 -10.28
N LEU D 15 11.45 13.83 -11.09
CA LEU D 15 12.20 15.10 -11.29
C LEU D 15 12.09 15.83 -9.95
N ARG D 16 10.88 15.89 -9.37
CA ARG D 16 10.76 16.52 -8.04
C ARG D 16 11.63 15.83 -7.01
N HIS D 17 11.72 14.50 -7.04
CA HIS D 17 12.59 13.90 -6.06
C HIS D 17 14.05 14.31 -6.32
N ALA D 18 14.42 14.45 -7.60
CA ALA D 18 15.79 14.89 -7.93
C ALA D 18 16.00 16.34 -7.37
N GLN D 19 15.01 17.22 -7.54
CA GLN D 19 15.10 18.59 -6.97
C GLN D 19 15.23 18.54 -5.43
N GLY D 20 14.43 17.72 -4.74
CA GLY D 20 14.56 17.64 -3.28
C GLY D 20 15.90 17.05 -2.89
N SER D 21 16.37 16.11 -3.68
CA SER D 21 17.66 15.50 -3.38
C SER D 21 18.76 16.57 -3.47
N LEU D 22 18.68 17.43 -4.48
CA LEU D 22 19.68 18.46 -4.62
C LEU D 22 19.64 19.27 -3.30
N GLY D 23 18.43 19.66 -2.89
CA GLY D 23 18.29 20.44 -1.65
C GLY D 23 18.81 19.74 -0.43
N LEU D 24 18.77 18.42 -0.42
CA LEU D 24 19.27 17.70 0.72
C LEU D 24 20.77 17.59 0.63
N GLY D 25 21.36 18.01 -0.50
CA GLY D 25 22.80 17.83 -0.69
C GLY D 25 23.15 16.39 -1.17
N ASP D 26 22.13 15.58 -1.55
CA ASP D 26 22.38 14.18 -1.93
C ASP D 26 22.57 14.18 -3.45
N TYR D 27 23.75 14.59 -3.89
CA TYR D 27 23.93 14.74 -5.34
C TYR D 27 23.88 13.51 -6.19
N ALA D 28 24.47 12.42 -5.74
CA ALA D 28 24.45 11.22 -6.54
C ALA D 28 22.99 10.76 -6.68
N TRP D 29 22.24 10.76 -5.59
CA TRP D 29 20.81 10.39 -5.65
C TRP D 29 20.03 11.34 -6.56
N ALA D 30 20.35 12.65 -6.57
CA ALA D 30 19.66 13.58 -7.47
C ALA D 30 19.98 13.16 -8.91
N CYS D 31 21.24 12.77 -9.17
CA CYS D 31 21.57 12.39 -10.57
C CYS D 31 20.77 11.09 -10.96
N PHE D 32 20.71 10.15 -10.02
CA PHE D 32 19.98 8.91 -10.31
C PHE D 32 18.53 9.26 -10.59
N ALA D 33 17.94 10.13 -9.75
CA ALA D 33 16.54 10.47 -9.93
C ALA D 33 16.30 11.21 -11.26
N ALA D 34 17.31 11.92 -11.75
CA ALA D 34 17.19 12.65 -12.99
C ALA D 34 17.18 11.62 -14.14
N GLN D 35 18.03 10.61 -14.04
CA GLN D 35 18.03 9.58 -15.10
C GLN D 35 16.64 8.87 -15.08
N GLN D 36 16.12 8.68 -13.88
CA GLN D 36 14.83 8.01 -13.73
C GLN D 36 13.71 8.85 -14.28
N ALA D 37 13.81 10.17 -14.14
CA ALA D 37 12.80 11.07 -14.69
C ALA D 37 12.78 10.91 -16.24
N ALA D 38 13.97 10.97 -16.82
CA ALA D 38 14.13 10.80 -18.25
C ALA D 38 13.65 9.43 -18.78
N GLU D 39 14.02 8.40 -18.05
CA GLU D 39 13.65 7.04 -18.45
C GLU D 39 12.08 6.85 -18.46
N ALA D 40 11.44 7.33 -17.41
CA ALA D 40 10.01 7.22 -17.25
C ALA D 40 9.32 8.00 -18.31
N ALA D 41 9.86 9.19 -18.57
CA ALA D 41 9.21 10.04 -19.58
C ALA D 41 9.26 9.37 -20.95
N LEU D 42 10.42 8.88 -21.32
CA LEU D 42 10.54 8.25 -22.64
C LEU D 42 9.73 6.96 -22.71
N LYS D 43 9.65 6.23 -21.60
CA LYS D 43 8.77 4.99 -21.65
C LYS D 43 7.32 5.45 -21.85
N GLY D 44 6.97 6.61 -21.33
CA GLY D 44 5.61 7.11 -21.52
C GLY D 44 5.38 7.46 -23.00
N LEU D 45 6.36 8.11 -23.64
CA LEU D 45 6.26 8.49 -25.02
C LEU D 45 6.10 7.19 -25.87
N HIS D 46 6.89 6.17 -25.56
CA HIS D 46 6.77 4.91 -26.29
C HIS D 46 5.32 4.40 -26.12
N LEU D 47 4.81 4.41 -24.90
CA LEU D 47 3.43 3.92 -24.73
C LEU D 47 2.45 4.75 -25.50
N ALA D 48 2.68 6.05 -25.57
CA ALA D 48 1.74 6.93 -26.31
C ALA D 48 1.71 6.56 -27.82
N ARG D 49 2.83 6.07 -28.30
CA ARG D 49 2.97 5.64 -29.72
C ARG D 49 2.74 4.15 -29.92
N GLY D 50 2.16 3.47 -28.95
CA GLY D 50 1.84 2.07 -29.13
C GLY D 50 3.02 1.11 -29.03
N GLN D 51 4.10 1.54 -28.39
CA GLN D 51 5.24 0.65 -28.25
C GLN D 51 5.49 0.32 -26.79
N VAL D 52 6.16 -0.77 -26.54
CA VAL D 52 6.50 -0.95 -25.10
C VAL D 52 8.00 -0.78 -25.11
N ALA D 53 8.59 -0.30 -24.05
CA ALA D 53 10.06 -0.20 -24.10
C ALA D 53 10.59 -0.69 -22.77
N TRP D 54 11.85 -1.09 -22.79
CA TRP D 54 12.49 -1.68 -21.63
C TRP D 54 13.85 -1.07 -21.39
N GLY D 55 14.36 -1.31 -20.21
CA GLY D 55 15.75 -0.91 -20.01
C GLY D 55 15.92 0.43 -19.39
N HIS D 56 17.18 0.79 -19.23
CA HIS D 56 17.50 1.99 -18.54
C HIS D 56 18.33 2.89 -19.43
N SER D 57 18.52 2.56 -20.69
CA SER D 57 19.32 3.46 -21.53
C SER D 57 18.44 4.49 -22.20
N ILE D 58 18.67 5.76 -21.85
CA ILE D 58 17.93 6.85 -22.46
C ILE D 58 18.35 6.85 -23.97
N LEU D 59 19.58 6.42 -24.28
CA LEU D 59 20.05 6.39 -25.68
C LEU D 59 19.19 5.41 -26.57
N ASP D 60 19.02 4.15 -26.10
CA ASP D 60 18.14 3.18 -26.81
C ASP D 60 16.73 3.69 -26.80
N LEU D 61 16.27 4.25 -25.67
CA LEU D 61 14.87 4.74 -25.66
C LEU D 61 14.63 5.82 -26.73
N LEU D 62 15.60 6.68 -26.98
CA LEU D 62 15.43 7.69 -28.07
C LEU D 62 15.60 7.03 -29.46
N ALA D 63 16.58 6.13 -29.56
CA ALA D 63 16.84 5.48 -30.87
C ALA D 63 15.70 4.62 -31.39
N ASP D 64 14.91 4.06 -30.46
CA ASP D 64 13.84 3.15 -30.80
C ASP D 64 12.47 3.87 -31.05
N LEU D 65 12.42 5.17 -30.91
CA LEU D 65 11.16 5.87 -31.20
C LEU D 65 10.85 5.73 -32.71
N PRO D 66 9.55 5.81 -33.10
CA PRO D 66 9.12 5.72 -34.52
C PRO D 66 9.94 6.73 -35.33
N GLU D 67 10.23 6.41 -36.61
CA GLU D 67 11.04 7.31 -37.44
C GLU D 67 10.45 8.69 -37.63
N ASP D 68 9.14 8.79 -37.58
CA ASP D 68 8.57 10.12 -37.75
C ASP D 68 8.88 11.04 -36.58
N VAL D 69 9.53 10.52 -35.52
CA VAL D 69 9.79 11.42 -34.41
C VAL D 69 11.18 11.97 -34.59
N ASP D 70 11.26 13.28 -34.69
CA ASP D 70 12.53 13.95 -34.84
C ASP D 70 13.24 14.13 -33.49
N VAL D 71 14.39 13.51 -33.37
CA VAL D 71 15.15 13.62 -32.13
C VAL D 71 16.38 14.52 -32.31
N PRO D 72 16.38 15.73 -31.73
CA PRO D 72 17.54 16.62 -31.83
C PRO D 72 18.82 15.94 -31.27
N GLU D 73 19.97 16.21 -31.90
CA GLU D 73 21.22 15.64 -31.49
C GLU D 73 21.57 16.02 -30.05
N ASP D 74 21.09 17.16 -29.54
CA ASP D 74 21.50 17.43 -28.18
C ASP D 74 20.78 16.57 -27.17
N LEU D 75 19.67 15.97 -27.58
CA LEU D 75 19.00 15.07 -26.64
C LEU D 75 19.76 13.75 -26.61
N VAL D 76 20.28 13.35 -27.77
CA VAL D 76 21.10 12.12 -27.81
C VAL D 76 22.33 12.30 -26.91
N GLU D 77 22.92 13.49 -26.99
CA GLU D 77 24.08 13.81 -26.17
C GLU D 77 23.68 13.84 -24.67
N ALA D 78 22.52 14.40 -24.37
CA ALA D 78 22.04 14.43 -22.97
C ALA D 78 21.81 12.98 -22.46
N ALA D 79 21.34 12.09 -23.36
CA ALA D 79 21.09 10.66 -23.03
C ALA D 79 22.38 9.98 -22.57
N LYS D 80 23.46 10.28 -23.27
CA LYS D 80 24.74 9.67 -22.93
C LYS D 80 25.21 10.02 -21.52
N VAL D 81 24.99 11.27 -21.17
CA VAL D 81 25.37 11.75 -19.86
C VAL D 81 24.46 11.09 -18.81
N LEU D 82 23.12 11.18 -18.97
CA LEU D 82 22.22 10.59 -17.98
C LEU D 82 22.41 9.09 -17.80
N ASP D 83 22.78 8.41 -18.88
CA ASP D 83 22.93 6.98 -18.80
C ASP D 83 24.05 6.60 -17.83
N LYS D 84 24.99 7.50 -17.57
CA LYS D 84 26.02 7.12 -16.61
C LYS D 84 25.54 7.28 -15.18
N TYR D 85 24.26 7.65 -14.98
CA TYR D 85 23.78 7.87 -13.64
C TYR D 85 22.85 6.75 -13.16
N TYR D 86 22.63 5.74 -13.97
CA TYR D 86 21.69 4.69 -13.49
C TYR D 86 22.33 3.80 -12.41
N ILE D 87 23.55 3.30 -12.68
CA ILE D 87 24.23 2.41 -11.73
C ILE D 87 25.36 3.06 -10.89
N PRO D 88 26.28 3.83 -11.55
CA PRO D 88 27.40 4.47 -10.83
C PRO D 88 27.04 5.39 -9.64
N THR D 89 25.83 5.95 -9.64
CA THR D 89 25.44 6.84 -8.55
C THR D 89 25.11 6.09 -7.25
N ARG D 90 24.83 4.79 -7.35
CA ARG D 90 24.41 3.99 -6.16
C ARG D 90 25.41 2.90 -5.80
N TYR D 91 26.26 2.50 -6.73
CA TYR D 91 27.08 1.34 -6.42
C TYR D 91 28.57 1.63 -6.32
N PRO D 92 29.15 1.35 -5.14
CA PRO D 92 30.58 1.63 -4.97
C PRO D 92 31.53 0.96 -5.96
N ASP D 93 31.17 -0.21 -6.50
CA ASP D 93 32.10 -0.88 -7.41
C ASP D 93 32.18 -0.27 -8.79
N ALA D 94 31.39 0.80 -9.01
CA ALA D 94 31.49 1.50 -10.29
C ALA D 94 32.63 2.56 -10.10
N HIS D 95 33.24 2.61 -8.93
CA HIS D 95 34.30 3.62 -8.69
C HIS D 95 35.52 2.95 -8.09
N PRO D 96 36.69 3.65 -8.15
CA PRO D 96 37.89 3.00 -7.58
C PRO D 96 37.98 2.92 -6.06
N ALA D 97 37.37 3.86 -5.38
CA ALA D 97 37.41 3.89 -3.94
C ALA D 97 36.25 4.68 -3.43
N GLY D 98 35.95 4.48 -2.17
CA GLY D 98 34.90 5.19 -1.47
C GLY D 98 33.52 4.68 -1.82
N PRO D 99 32.49 5.23 -1.16
CA PRO D 99 31.11 4.82 -1.47
C PRO D 99 30.88 5.53 -2.82
N ALA D 100 29.78 5.18 -3.51
CA ALA D 100 29.51 5.83 -4.81
C ALA D 100 29.12 7.30 -4.56
N ALA D 101 28.44 7.54 -3.44
CA ALA D 101 27.90 8.89 -3.20
C ALA D 101 28.90 10.03 -3.21
N ARG D 102 30.11 9.77 -2.77
CA ARG D 102 30.99 10.94 -2.71
C ARG D 102 31.56 11.41 -4.07
N HIS D 103 31.28 10.68 -5.15
CA HIS D 103 31.78 11.04 -6.46
C HIS D 103 30.85 11.93 -7.35
N TYR D 104 29.83 12.53 -6.74
CA TYR D 104 28.94 13.36 -7.53
C TYR D 104 28.87 14.73 -6.91
N THR D 105 29.02 15.73 -7.76
CA THR D 105 29.02 17.09 -7.27
C THR D 105 27.73 17.82 -7.51
N ARG D 106 27.61 18.97 -6.84
CA ARG D 106 26.43 19.80 -6.96
C ARG D 106 26.22 20.27 -8.42
N LEU D 107 27.32 20.63 -9.08
CA LEU D 107 27.20 21.05 -10.47
C LEU D 107 26.63 19.90 -11.32
N GLU D 108 27.16 18.69 -11.11
CA GLU D 108 26.71 17.53 -11.91
C GLU D 108 25.19 17.36 -11.68
N ALA D 109 24.76 17.46 -10.41
CA ALA D 109 23.36 17.31 -10.02
C ALA D 109 22.49 18.39 -10.69
N GLU D 110 22.96 19.64 -10.67
CA GLU D 110 22.23 20.75 -11.31
C GLU D 110 22.09 20.48 -12.81
N GLU D 111 23.21 20.06 -13.44
CA GLU D 111 23.15 19.79 -14.85
C GLU D 111 22.27 18.60 -15.19
N ALA D 112 22.29 17.56 -14.34
CA ALA D 112 21.44 16.37 -14.56
C ALA D 112 19.95 16.76 -14.51
N LEU D 113 19.59 17.67 -13.60
CA LEU D 113 18.20 18.08 -13.51
C LEU D 113 17.84 18.79 -14.80
N ASP D 114 18.71 19.68 -15.28
CA ASP D 114 18.44 20.40 -16.53
C ASP D 114 18.26 19.42 -17.72
N LEU D 115 19.14 18.41 -17.81
CA LEU D 115 19.08 17.42 -18.90
C LEU D 115 17.73 16.64 -18.81
N ALA D 116 17.38 16.18 -17.60
CA ALA D 116 16.10 15.49 -17.42
C ALA D 116 14.91 16.42 -17.89
N GLN D 117 14.97 17.72 -17.55
CA GLN D 117 13.90 18.68 -17.93
C GLN D 117 13.85 18.81 -19.44
N LYS D 118 15.03 18.85 -20.07
CA LYS D 118 15.12 18.88 -21.53
C LYS D 118 14.35 17.67 -22.14
N ILE D 119 14.57 16.48 -21.60
CA ILE D 119 13.94 15.26 -22.12
C ILE D 119 12.43 15.27 -21.85
N LEU D 120 12.03 15.70 -20.63
CA LEU D 120 10.60 15.74 -20.31
C LEU D 120 9.86 16.72 -21.23
N ALA D 121 10.52 17.83 -21.54
CA ALA D 121 9.90 18.83 -22.38
C ALA D 121 9.71 18.25 -23.79
N PHE D 122 10.73 17.56 -24.28
CA PHE D 122 10.62 16.93 -25.60
C PHE D 122 9.44 15.94 -25.58
N VAL D 123 9.36 15.10 -24.57
CA VAL D 123 8.26 14.15 -24.52
C VAL D 123 6.88 14.82 -24.50
N GLU D 124 6.73 15.84 -23.65
CA GLU D 124 5.45 16.56 -23.53
C GLU D 124 5.08 17.17 -24.88
N GLU D 125 6.07 17.67 -25.59
CA GLU D 125 5.88 18.27 -26.92
C GLU D 125 5.41 17.21 -27.93
N LYS D 126 6.09 16.06 -27.97
CA LYS D 126 5.79 14.97 -28.89
C LYS D 126 4.60 14.12 -28.40
N LEU D 127 4.13 14.43 -27.20
CA LEU D 127 3.00 13.77 -26.51
C LEU D 127 3.34 12.99 -25.26
#